data_9I73
#
_entry.id   9I73
#
_cell.length_a   82.360
_cell.length_b   112.609
_cell.length_c   62.745
_cell.angle_alpha   90.00
_cell.angle_beta   90.00
_cell.angle_gamma   90.00
#
_symmetry.space_group_name_H-M   'C 2 2 21'
#
loop_
_entity.id
_entity.type
_entity.pdbx_description
1 polymer '14-3-3 protein sigma'
2 polymer 'Estrogen receptor'
3 non-polymer 2-chloranyl-~{N}-[4-[3-[(2-fluoranyl-6-methyl-phenyl)amino]imidazo[1,2-a]pyridin-2-yl]phenyl]ethanamide
4 non-polymer 'CALCIUM ION'
5 non-polymer 'CHLORIDE ION'
6 water water
#
loop_
_entity_poly.entity_id
_entity_poly.type
_entity_poly.pdbx_seq_one_letter_code
_entity_poly.pdbx_strand_id
1 'polypeptide(L)'
;GAMGSMERASLIQKAKLAEQAERYEDMAAFMKGAVEKGEELSCEERNLLSVAYKNVVGGQRAAWRVLSSIEQKSNEEGSE
EKGPEVREYREKVETELQGVCDTVLGLLDSHLIKEAGDAESRVFYLKMKGDYYRYLAEVATGDDKKRIIDSARSAYQEAM
DISKKEMPPTNPIRLGLALNFSVFHYEIANSPEEAISLAKTTFDEAMADLHTLSEDSYKDSTLIMQLLRDNLTLWT
;
A
2 'polypeptide(L)' FPA(TPO)V B
#
# COMPACT_ATOMS: atom_id res chain seq x y z
N GLY A 1 6.72 21.27 -11.66
CA GLY A 1 7.48 20.48 -10.70
C GLY A 1 8.31 21.37 -9.79
N ALA A 2 7.87 21.47 -8.52
CA ALA A 2 8.58 22.27 -7.51
C ALA A 2 10.02 21.78 -7.32
N MET A 3 10.25 20.48 -7.56
CA MET A 3 11.57 19.89 -7.39
C MET A 3 12.36 19.82 -8.69
N GLY A 4 11.86 20.49 -9.74
CA GLY A 4 12.47 20.39 -11.07
C GLY A 4 13.90 20.89 -11.14
N SER A 5 14.25 21.84 -10.27
CA SER A 5 15.59 22.40 -10.29
C SER A 5 16.60 21.68 -9.41
N MET A 6 16.15 20.69 -8.63
CA MET A 6 17.05 19.94 -7.76
C MET A 6 17.57 18.67 -8.42
N GLU A 7 18.87 18.41 -8.26
CA GLU A 7 19.46 17.18 -8.80
C GLU A 7 18.77 15.92 -8.27
N ARG A 8 18.64 14.91 -9.11
CA ARG A 8 18.12 13.62 -8.68
C ARG A 8 18.82 13.09 -7.43
N ALA A 9 20.16 13.11 -7.44
CA ALA A 9 20.89 12.53 -6.32
C ALA A 9 20.64 13.32 -5.04
N SER A 10 20.47 14.63 -5.15
CA SER A 10 20.17 15.47 -3.99
C SER A 10 18.77 15.21 -3.44
N LEU A 11 17.81 14.94 -4.33
CA LEU A 11 16.46 14.58 -3.90
C LEU A 11 16.48 13.27 -3.11
N ILE A 12 17.22 12.28 -3.62
N ILE A 12 17.23 12.28 -3.60
CA ILE A 12 17.37 11.00 -2.94
CA ILE A 12 17.31 11.01 -2.89
C ILE A 12 18.01 11.20 -1.57
C ILE A 12 18.03 11.16 -1.55
N GLN A 13 19.10 11.96 -1.54
CA GLN A 13 19.82 12.22 -0.29
C GLN A 13 18.87 12.86 0.74
N LYS A 14 18.12 13.87 0.29
CA LYS A 14 17.20 14.57 1.17
C LYS A 14 16.02 13.71 1.60
N ALA A 15 15.54 12.80 0.73
CA ALA A 15 14.53 11.85 1.16
C ALA A 15 15.02 11.01 2.33
N LYS A 16 16.30 10.58 2.27
CA LYS A 16 16.85 9.79 3.35
C LYS A 16 16.97 10.60 4.65
N LEU A 17 17.36 11.88 4.54
CA LEU A 17 17.40 12.76 5.71
C LEU A 17 16.00 12.98 6.29
N ALA A 18 15.01 13.19 5.41
CA ALA A 18 13.65 13.40 5.86
C ALA A 18 13.13 12.16 6.60
N GLU A 19 13.46 10.96 6.10
CA GLU A 19 13.09 9.74 6.80
C GLU A 19 13.68 9.72 8.22
N GLN A 20 14.98 10.05 8.35
CA GLN A 20 15.62 10.07 9.66
C GLN A 20 14.95 11.05 10.61
N ALA A 21 14.49 12.19 10.07
CA ALA A 21 13.80 13.21 10.83
C ALA A 21 12.29 12.99 10.99
N GLU A 22 11.78 11.88 10.44
CA GLU A 22 10.36 11.56 10.48
C GLU A 22 9.48 12.65 9.86
N ARG A 23 10.00 13.22 8.78
CA ARG A 23 9.35 14.25 7.99
C ARG A 23 8.82 13.61 6.70
N TYR A 24 7.74 12.84 6.83
CA TYR A 24 7.31 11.99 5.74
C TYR A 24 6.67 12.74 4.58
N GLU A 25 6.03 13.88 4.85
CA GLU A 25 5.50 14.70 3.77
C GLU A 25 6.66 15.24 2.92
N ASP A 26 7.72 15.72 3.56
CA ASP A 26 8.88 16.16 2.81
C ASP A 26 9.50 14.99 2.03
N MET A 27 9.59 13.83 2.69
CA MET A 27 10.18 12.66 2.07
C MET A 27 9.42 12.31 0.78
N ALA A 28 8.08 12.36 0.86
CA ALA A 28 7.25 12.04 -0.29
C ALA A 28 7.45 13.05 -1.42
N ALA A 29 7.53 14.34 -1.06
CA ALA A 29 7.75 15.38 -2.06
C ALA A 29 9.11 15.22 -2.77
N PHE A 30 10.15 14.86 -2.02
CA PHE A 30 11.45 14.62 -2.61
C PHE A 30 11.40 13.42 -3.55
N MET A 31 10.75 12.33 -3.11
CA MET A 31 10.68 11.14 -3.95
C MET A 31 9.82 11.35 -5.19
N LYS A 32 8.74 12.14 -5.08
CA LYS A 32 7.97 12.51 -6.25
C LYS A 32 8.87 13.25 -7.25
N GLY A 33 9.66 14.20 -6.74
CA GLY A 33 10.59 14.89 -7.61
C GLY A 33 11.57 13.93 -8.27
N ALA A 34 12.08 12.96 -7.51
CA ALA A 34 13.02 12.00 -8.07
C ALA A 34 12.36 11.16 -9.18
N VAL A 35 11.14 10.69 -8.96
CA VAL A 35 10.44 9.93 -9.99
C VAL A 35 10.27 10.77 -11.25
N GLU A 36 9.92 12.05 -11.07
CA GLU A 36 9.64 12.90 -12.21
C GLU A 36 10.88 13.26 -13.03
N LYS A 37 12.08 12.92 -12.55
CA LYS A 37 13.27 13.01 -13.39
C LYS A 37 13.21 12.08 -14.60
N GLY A 38 12.39 11.03 -14.52
CA GLY A 38 12.16 10.16 -15.67
C GLY A 38 12.95 8.86 -15.73
N GLU A 39 13.96 8.72 -14.87
N GLU A 39 13.95 8.71 -14.85
CA GLU A 39 14.76 7.51 -14.83
CA GLU A 39 14.78 7.53 -14.81
C GLU A 39 14.06 6.46 -13.97
C GLU A 39 14.11 6.47 -13.93
N GLU A 40 14.34 5.20 -14.25
CA GLU A 40 13.89 4.12 -13.40
C GLU A 40 14.47 4.24 -11.98
N LEU A 41 13.81 3.60 -11.01
CA LEU A 41 14.22 3.61 -9.61
C LEU A 41 14.88 2.28 -9.27
N SER A 42 15.95 2.36 -8.48
CA SER A 42 16.56 1.17 -7.90
C SER A 42 15.68 0.57 -6.81
N CYS A 43 16.07 -0.62 -6.33
CA CYS A 43 15.38 -1.22 -5.20
C CYS A 43 15.28 -0.28 -4.01
N GLU A 44 16.43 0.29 -3.61
CA GLU A 44 16.44 1.17 -2.45
C GLU A 44 15.55 2.39 -2.69
N GLU A 45 15.59 2.93 -3.91
CA GLU A 45 14.80 4.13 -4.21
C GLU A 45 13.30 3.84 -4.25
N ARG A 46 12.91 2.66 -4.78
CA ARG A 46 11.52 2.26 -4.74
C ARG A 46 11.01 2.17 -3.31
N ASN A 47 11.87 1.66 -2.42
CA ASN A 47 11.49 1.52 -1.02
C ASN A 47 11.37 2.89 -0.36
N LEU A 48 12.21 3.87 -0.73
CA LEU A 48 12.02 5.22 -0.22
C LEU A 48 10.69 5.82 -0.63
N LEU A 49 10.34 5.62 -1.90
CA LEU A 49 9.07 6.10 -2.41
C LEU A 49 7.90 5.50 -1.63
N SER A 50 7.92 4.18 -1.47
CA SER A 50 6.82 3.50 -0.79
CA SER A 50 6.83 3.50 -0.79
C SER A 50 6.72 3.91 0.68
N VAL A 51 7.86 3.97 1.38
CA VAL A 51 7.84 4.34 2.79
C VAL A 51 7.23 5.72 2.99
N ALA A 52 7.62 6.67 2.14
CA ALA A 52 7.18 8.04 2.29
C ALA A 52 5.66 8.12 2.20
N TYR A 53 5.12 7.60 1.09
CA TYR A 53 3.69 7.69 0.87
C TYR A 53 2.89 6.80 1.82
N LYS A 54 3.45 5.65 2.22
CA LYS A 54 2.76 4.79 3.18
C LYS A 54 2.49 5.54 4.48
N ASN A 55 3.49 6.29 4.93
CA ASN A 55 3.40 7.02 6.17
C ASN A 55 2.44 8.19 6.04
N VAL A 56 2.51 8.92 4.90
CA VAL A 56 1.59 10.04 4.71
C VAL A 56 0.15 9.54 4.69
N VAL A 57 -0.12 8.56 3.83
N VAL A 57 -0.16 8.57 3.82
CA VAL A 57 -1.50 8.09 3.67
CA VAL A 57 -1.55 8.15 3.71
C VAL A 57 -1.97 7.36 4.91
C VAL A 57 -1.98 7.37 4.96
N GLY A 58 -1.05 6.68 5.62
CA GLY A 58 -1.38 6.00 6.86
C GLY A 58 -1.91 6.96 7.91
N GLY A 59 -1.26 8.12 8.00
CA GLY A 59 -1.75 9.13 8.92
C GLY A 59 -3.12 9.67 8.54
N GLN A 60 -3.34 9.87 7.23
CA GLN A 60 -4.62 10.34 6.75
C GLN A 60 -5.73 9.33 7.01
N ARG A 61 -5.45 8.05 6.76
CA ARG A 61 -6.41 6.99 7.02
C ARG A 61 -6.79 6.94 8.49
N ALA A 62 -5.78 7.02 9.38
CA ALA A 62 -6.08 6.99 10.80
C ALA A 62 -6.99 8.16 11.19
N ALA A 63 -6.72 9.35 10.64
CA ALA A 63 -7.52 10.53 10.96
C ALA A 63 -8.93 10.38 10.39
N TRP A 64 -9.02 9.85 9.17
CA TRP A 64 -10.31 9.65 8.54
C TRP A 64 -11.18 8.71 9.38
N ARG A 65 -10.56 7.65 9.91
CA ARG A 65 -11.32 6.70 10.71
C ARG A 65 -11.83 7.34 12.00
N VAL A 66 -11.01 8.18 12.64
CA VAL A 66 -11.46 8.87 13.85
C VAL A 66 -12.68 9.74 13.54
N LEU A 67 -12.58 10.51 12.46
CA LEU A 67 -13.63 11.44 12.10
C LEU A 67 -14.89 10.71 11.64
N SER A 68 -14.73 9.63 10.86
CA SER A 68 -15.87 8.83 10.43
CA SER A 68 -15.86 8.83 10.42
C SER A 68 -16.63 8.22 11.60
N SER A 69 -15.91 7.77 12.63
CA SER A 69 -16.55 7.23 13.81
C SER A 69 -17.36 8.31 14.53
N ILE A 70 -16.80 9.51 14.66
CA ILE A 70 -17.53 10.61 15.29
C ILE A 70 -18.78 10.93 14.48
N GLU A 71 -18.65 10.94 13.16
CA GLU A 71 -19.77 11.25 12.28
C GLU A 71 -20.88 10.19 12.40
N GLN A 72 -20.49 8.92 12.46
CA GLN A 72 -21.44 7.82 12.62
C GLN A 72 -22.21 7.97 13.93
N LYS A 73 -21.50 8.30 15.02
CA LYS A 73 -22.15 8.51 16.31
C LYS A 73 -23.10 9.70 16.29
N SER A 74 -22.74 10.75 15.54
CA SER A 74 -23.59 11.92 15.39
C SER A 74 -24.92 11.61 14.68
N ASN A 75 -24.94 10.55 13.88
CA ASN A 75 -26.13 10.21 13.11
C ASN A 75 -27.01 9.14 13.75
N GLU A 76 -26.66 8.69 14.97
CA GLU A 76 -27.48 7.76 15.72
C GLU A 76 -28.72 8.44 16.33
N GLU A 77 -29.72 7.62 16.67
CA GLU A 77 -30.92 8.11 17.34
C GLU A 77 -30.55 8.65 18.72
N GLY A 78 -31.11 9.80 19.07
CA GLY A 78 -30.86 10.43 20.36
C GLY A 78 -29.72 11.43 20.36
N SER A 79 -28.84 11.36 19.34
CA SER A 79 -27.71 12.27 19.22
C SER A 79 -28.18 13.69 18.90
N GLU A 80 -27.63 14.68 19.60
CA GLU A 80 -28.02 16.06 19.43
C GLU A 80 -27.35 16.63 18.17
N GLU A 81 -28.12 17.36 17.35
CA GLU A 81 -27.60 17.93 16.11
C GLU A 81 -26.48 18.92 16.41
N LYS A 82 -25.33 18.74 15.74
CA LYS A 82 -24.18 19.61 15.94
C LYS A 82 -23.81 20.38 14.67
N GLY A 83 -24.64 20.26 13.63
CA GLY A 83 -24.45 21.02 12.40
C GLY A 83 -23.57 20.27 11.40
N PRO A 84 -23.14 20.96 10.32
CA PRO A 84 -22.44 20.31 9.23
C PRO A 84 -20.94 20.09 9.44
N GLU A 85 -20.41 20.53 10.59
CA GLU A 85 -18.96 20.61 10.75
C GLU A 85 -18.23 19.26 10.76
N VAL A 86 -18.80 18.23 11.39
CA VAL A 86 -18.14 16.94 11.41
C VAL A 86 -18.03 16.38 9.99
N ARG A 87 -19.14 16.40 9.25
CA ARG A 87 -19.12 15.95 7.86
C ARG A 87 -18.14 16.77 7.03
N GLU A 88 -18.17 18.10 7.17
CA GLU A 88 -17.28 18.94 6.40
C GLU A 88 -15.82 18.57 6.65
N TYR A 89 -15.45 18.39 7.92
CA TYR A 89 -14.05 18.14 8.23
C TYR A 89 -13.64 16.72 7.80
N ARG A 90 -14.52 15.74 7.98
CA ARG A 90 -14.26 14.41 7.44
C ARG A 90 -14.06 14.47 5.93
N GLU A 91 -14.90 15.24 5.24
CA GLU A 91 -14.76 15.43 3.80
C GLU A 91 -13.44 16.10 3.43
N LYS A 92 -12.99 17.07 4.21
CA LYS A 92 -11.71 17.72 3.97
C LYS A 92 -10.56 16.72 4.03
N VAL A 93 -10.52 15.93 5.10
CA VAL A 93 -9.48 14.92 5.25
C VAL A 93 -9.57 13.88 4.13
N GLU A 94 -10.79 13.45 3.82
CA GLU A 94 -11.02 12.50 2.75
C GLU A 94 -10.49 13.01 1.40
N THR A 95 -10.76 14.27 1.08
CA THR A 95 -10.33 14.83 -0.19
C THR A 95 -8.80 14.88 -0.24
N GLU A 96 -8.15 15.24 0.87
CA GLU A 96 -6.70 15.26 0.95
CA GLU A 96 -6.70 15.27 0.88
C GLU A 96 -6.13 13.85 0.70
N LEU A 97 -6.74 12.85 1.37
CA LEU A 97 -6.34 11.46 1.20
C LEU A 97 -6.47 11.01 -0.26
N GLN A 98 -7.61 11.32 -0.88
CA GLN A 98 -7.82 10.95 -2.27
C GLN A 98 -6.77 11.62 -3.15
N GLY A 99 -6.43 12.87 -2.82
CA GLY A 99 -5.40 13.57 -3.59
C GLY A 99 -4.05 12.88 -3.53
N VAL A 100 -3.66 12.40 -2.35
CA VAL A 100 -2.40 11.69 -2.20
C VAL A 100 -2.44 10.37 -2.99
N CYS A 101 -3.53 9.62 -2.86
CA CYS A 101 -3.68 8.41 -3.64
C CYS A 101 -3.59 8.67 -5.14
N ASP A 102 -4.27 9.72 -5.61
CA ASP A 102 -4.21 10.05 -7.03
C ASP A 102 -2.80 10.44 -7.46
N THR A 103 -2.05 11.11 -6.58
CA THR A 103 -0.67 11.46 -6.88
C THR A 103 0.16 10.20 -7.07
N VAL A 104 0.06 9.25 -6.13
CA VAL A 104 0.84 8.02 -6.23
C VAL A 104 0.44 7.24 -7.49
N LEU A 105 -0.86 7.06 -7.70
CA LEU A 105 -1.31 6.34 -8.88
C LEU A 105 -0.83 7.02 -10.15
N GLY A 106 -0.77 8.36 -10.13
CA GLY A 106 -0.25 9.09 -11.27
C GLY A 106 1.22 8.80 -11.56
N LEU A 107 2.04 8.72 -10.52
CA LEU A 107 3.45 8.39 -10.69
C LEU A 107 3.61 6.98 -11.26
N LEU A 108 2.79 6.04 -10.76
CA LEU A 108 2.85 4.67 -11.25
C LEU A 108 2.46 4.60 -12.72
N ASP A 109 1.44 5.37 -13.11
N ASP A 109 1.43 5.34 -13.12
CA ASP A 109 0.93 5.40 -14.47
CA ASP A 109 1.00 5.29 -14.51
C ASP A 109 1.77 6.23 -15.43
C ASP A 109 1.86 6.15 -15.44
N SER A 110 2.59 7.13 -14.89
CA SER A 110 3.36 8.07 -15.69
C SER A 110 4.76 8.24 -15.07
N HIS A 111 5.67 7.26 -15.26
CA HIS A 111 5.57 6.11 -16.15
C HIS A 111 6.26 4.91 -15.52
N LEU A 112 6.16 4.76 -14.19
CA LEU A 112 6.94 3.72 -13.51
C LEU A 112 6.58 2.31 -13.94
N ILE A 113 5.29 1.96 -13.99
CA ILE A 113 4.91 0.61 -14.32
C ILE A 113 5.32 0.24 -15.74
N LYS A 114 5.07 1.12 -16.72
CA LYS A 114 5.32 0.72 -18.09
C LYS A 114 6.80 0.50 -18.38
N GLU A 115 7.71 1.11 -17.59
CA GLU A 115 9.13 0.92 -17.79
C GLU A 115 9.72 -0.19 -16.92
N ALA A 116 8.91 -0.77 -16.02
CA ALA A 116 9.35 -1.83 -15.12
C ALA A 116 9.20 -3.21 -15.76
N GLY A 117 10.33 -3.79 -16.13
CA GLY A 117 10.35 -5.07 -16.81
C GLY A 117 10.82 -6.25 -15.96
N ASP A 118 11.63 -5.97 -14.95
CA ASP A 118 12.07 -7.03 -14.07
C ASP A 118 10.93 -7.37 -13.11
N ALA A 119 10.82 -8.65 -12.75
CA ALA A 119 9.71 -9.05 -11.91
C ALA A 119 9.69 -8.29 -10.59
N GLU A 120 10.85 -8.04 -10.00
CA GLU A 120 10.90 -7.43 -8.69
C GLU A 120 10.36 -6.01 -8.72
N SER A 121 10.68 -5.26 -9.79
CA SER A 121 10.20 -3.89 -9.88
C SER A 121 8.73 -3.87 -10.27
N ARG A 122 8.35 -4.66 -11.27
CA ARG A 122 6.99 -4.63 -11.76
C ARG A 122 6.00 -5.06 -10.67
N VAL A 123 6.32 -6.15 -9.96
CA VAL A 123 5.46 -6.59 -8.87
C VAL A 123 5.35 -5.53 -7.77
N PHE A 124 6.49 -4.93 -7.42
CA PHE A 124 6.50 -3.88 -6.42
C PHE A 124 5.51 -2.75 -6.77
N TYR A 125 5.59 -2.26 -8.01
CA TYR A 125 4.74 -1.16 -8.44
C TYR A 125 3.28 -1.56 -8.56
N LEU A 126 3.01 -2.77 -9.06
CA LEU A 126 1.64 -3.23 -9.17
C LEU A 126 1.01 -3.42 -7.78
N LYS A 127 1.79 -3.92 -6.81
CA LYS A 127 1.31 -3.97 -5.43
C LYS A 127 0.93 -2.58 -4.93
N MET A 128 1.80 -1.58 -5.18
CA MET A 128 1.47 -0.21 -4.81
C MET A 128 0.15 0.21 -5.46
N LYS A 129 -0.03 -0.08 -6.75
CA LYS A 129 -1.24 0.32 -7.43
C LYS A 129 -2.46 -0.30 -6.74
N GLY A 130 -2.39 -1.59 -6.40
CA GLY A 130 -3.47 -2.23 -5.68
C GLY A 130 -3.73 -1.54 -4.33
N ASP A 131 -2.64 -1.27 -3.61
CA ASP A 131 -2.76 -0.65 -2.29
C ASP A 131 -3.44 0.71 -2.34
N TYR A 132 -3.06 1.58 -3.29
CA TYR A 132 -3.61 2.92 -3.32
C TYR A 132 -5.05 2.92 -3.85
N TYR A 133 -5.40 2.00 -4.77
CA TYR A 133 -6.81 1.82 -5.08
C TYR A 133 -7.58 1.28 -3.89
N ARG A 134 -6.98 0.39 -3.09
CA ARG A 134 -7.62 -0.09 -1.88
C ARG A 134 -7.92 1.07 -0.92
N TYR A 135 -6.97 1.99 -0.76
CA TYR A 135 -7.22 3.16 0.10
C TYR A 135 -8.34 4.03 -0.44
N LEU A 136 -8.39 4.22 -1.77
CA LEU A 136 -9.53 4.91 -2.35
C LEU A 136 -10.84 4.15 -2.06
N ALA A 137 -10.80 2.82 -2.13
CA ALA A 137 -12.00 2.03 -1.88
C ALA A 137 -12.50 2.15 -0.45
N GLU A 138 -11.56 2.33 0.49
CA GLU A 138 -11.94 2.43 1.89
C GLU A 138 -12.89 3.60 2.14
N VAL A 139 -12.75 4.68 1.37
CA VAL A 139 -13.53 5.89 1.58
C VAL A 139 -14.61 6.10 0.52
N ALA A 140 -14.71 5.19 -0.45
CA ALA A 140 -15.64 5.33 -1.56
C ALA A 140 -17.06 4.93 -1.17
N THR A 141 -18.02 5.76 -1.59
CA THR A 141 -19.43 5.54 -1.31
C THR A 141 -20.35 5.82 -2.50
N GLY A 142 -19.79 6.13 -3.68
CA GLY A 142 -20.59 6.55 -4.83
C GLY A 142 -20.66 5.58 -6.02
N ASP A 143 -21.02 6.15 -7.19
CA ASP A 143 -21.28 5.40 -8.42
C ASP A 143 -20.09 4.56 -8.88
N ASP A 144 -18.88 5.02 -8.53
CA ASP A 144 -17.65 4.39 -8.98
C ASP A 144 -17.00 3.42 -7.99
N LYS A 145 -17.63 3.18 -6.83
CA LYS A 145 -17.04 2.31 -5.82
C LYS A 145 -16.69 0.92 -6.38
N LYS A 146 -17.60 0.32 -7.15
CA LYS A 146 -17.35 -0.99 -7.71
C LYS A 146 -16.13 -0.93 -8.65
N ARG A 147 -16.02 0.13 -9.44
CA ARG A 147 -14.93 0.23 -10.40
C ARG A 147 -13.62 0.44 -9.64
N ILE A 148 -13.62 1.21 -8.53
CA ILE A 148 -12.42 1.38 -7.73
C ILE A 148 -11.94 0.05 -7.16
N ILE A 149 -12.88 -0.71 -6.59
CA ILE A 149 -12.56 -2.02 -6.06
C ILE A 149 -11.98 -2.91 -7.15
N ASP A 150 -12.58 -2.88 -8.33
CA ASP A 150 -12.10 -3.74 -9.41
C ASP A 150 -10.71 -3.31 -9.89
N SER A 151 -10.40 -2.00 -9.83
CA SER A 151 -9.07 -1.52 -10.18
C SER A 151 -8.03 -2.06 -9.19
N ALA A 152 -8.37 -2.06 -7.90
CA ALA A 152 -7.46 -2.64 -6.93
C ALA A 152 -7.24 -4.13 -7.21
N ARG A 153 -8.34 -4.85 -7.37
CA ARG A 153 -8.30 -6.29 -7.62
C ARG A 153 -7.42 -6.60 -8.83
N SER A 154 -7.64 -5.88 -9.92
CA SER A 154 -6.91 -6.13 -11.16
C SER A 154 -5.41 -5.93 -11.01
N ALA A 155 -5.01 -4.86 -10.31
CA ALA A 155 -3.60 -4.62 -10.08
C ALA A 155 -2.97 -5.71 -9.23
N TYR A 156 -3.62 -6.04 -8.10
CA TYR A 156 -3.14 -7.13 -7.27
C TYR A 156 -3.04 -8.43 -8.04
N GLN A 157 -4.03 -8.73 -8.87
CA GLN A 157 -4.04 -10.01 -9.57
C GLN A 157 -2.89 -10.09 -10.57
N GLU A 158 -2.62 -8.99 -11.31
CA GLU A 158 -1.48 -9.01 -12.23
C GLU A 158 -0.18 -9.22 -11.46
N ALA A 159 -0.04 -8.53 -10.31
CA ALA A 159 1.15 -8.69 -9.48
C ALA A 159 1.28 -10.13 -8.99
N MET A 160 0.16 -10.74 -8.58
CA MET A 160 0.18 -12.12 -8.08
CA MET A 160 0.17 -12.11 -8.09
C MET A 160 0.62 -13.06 -9.20
N ASP A 161 0.09 -12.86 -10.40
CA ASP A 161 0.40 -13.77 -11.50
C ASP A 161 1.90 -13.74 -11.81
N ILE A 162 2.48 -12.53 -11.88
CA ILE A 162 3.91 -12.39 -12.11
C ILE A 162 4.72 -13.01 -10.98
N SER A 163 4.32 -12.72 -9.73
CA SER A 163 5.08 -13.17 -8.58
C SER A 163 5.15 -14.70 -8.53
N LYS A 164 4.03 -15.37 -8.85
CA LYS A 164 3.99 -16.82 -8.77
C LYS A 164 4.86 -17.44 -9.85
N LYS A 165 4.95 -16.79 -11.02
CA LYS A 165 5.77 -17.32 -12.11
C LYS A 165 7.26 -17.04 -11.93
N GLU A 166 7.61 -15.88 -11.36
CA GLU A 166 8.96 -15.36 -11.44
C GLU A 166 9.76 -15.27 -10.14
N MET A 167 9.10 -15.43 -8.98
CA MET A 167 9.76 -15.24 -7.70
C MET A 167 9.55 -16.48 -6.83
N PRO A 168 10.52 -16.81 -5.95
CA PRO A 168 10.34 -17.91 -5.02
C PRO A 168 9.27 -17.58 -3.99
N PRO A 169 8.67 -18.61 -3.35
CA PRO A 169 7.58 -18.38 -2.41
C PRO A 169 7.97 -17.63 -1.15
N THR A 170 9.27 -17.53 -0.86
CA THR A 170 9.77 -16.78 0.30
C THR A 170 10.15 -15.35 -0.04
N ASN A 171 10.08 -14.96 -1.32
CA ASN A 171 10.50 -13.60 -1.69
C ASN A 171 9.69 -12.57 -0.90
N PRO A 172 10.31 -11.59 -0.23
CA PRO A 172 9.56 -10.66 0.60
C PRO A 172 8.50 -9.85 -0.15
N ILE A 173 8.78 -9.46 -1.39
N ILE A 173 8.79 -9.46 -1.40
CA ILE A 173 7.79 -8.72 -2.16
CA ILE A 173 7.82 -8.72 -2.18
C ILE A 173 6.58 -9.59 -2.45
C ILE A 173 6.60 -9.60 -2.45
N ARG A 174 6.84 -10.85 -2.86
CA ARG A 174 5.76 -11.80 -3.06
C ARG A 174 4.92 -11.99 -1.80
N LEU A 175 5.60 -12.16 -0.66
CA LEU A 175 4.91 -12.38 0.60
C LEU A 175 4.06 -11.16 0.99
N GLY A 176 4.64 -9.96 0.88
CA GLY A 176 3.93 -8.74 1.25
C GLY A 176 2.74 -8.46 0.34
N LEU A 177 2.92 -8.73 -0.96
CA LEU A 177 1.82 -8.64 -1.90
C LEU A 177 0.67 -9.53 -1.47
N ALA A 178 0.96 -10.80 -1.14
CA ALA A 178 -0.07 -11.74 -0.75
C ALA A 178 -0.75 -11.31 0.55
N LEU A 179 0.05 -10.84 1.52
CA LEU A 179 -0.50 -10.32 2.77
C LEU A 179 -1.56 -9.25 2.47
N ASN A 180 -1.18 -8.28 1.63
CA ASN A 180 -2.06 -7.14 1.38
C ASN A 180 -3.26 -7.52 0.53
N PHE A 181 -3.08 -8.40 -0.46
CA PHE A 181 -4.21 -8.86 -1.28
C PHE A 181 -5.20 -9.65 -0.43
N SER A 182 -4.67 -10.43 0.51
N SER A 182 -4.70 -10.43 0.54
CA SER A 182 -5.49 -11.13 1.48
CA SER A 182 -5.59 -11.13 1.46
C SER A 182 -6.35 -10.15 2.30
C SER A 182 -6.39 -10.14 2.30
N VAL A 183 -5.74 -9.06 2.78
CA VAL A 183 -6.50 -8.01 3.48
C VAL A 183 -7.54 -7.37 2.57
N PHE A 184 -7.19 -7.06 1.31
CA PHE A 184 -8.18 -6.62 0.34
C PHE A 184 -9.39 -7.54 0.31
N HIS A 185 -9.15 -8.86 0.22
CA HIS A 185 -10.26 -9.78 0.17
C HIS A 185 -11.15 -9.66 1.41
N TYR A 186 -10.51 -9.59 2.59
CA TYR A 186 -11.23 -9.60 3.84
C TYR A 186 -12.00 -8.31 4.07
N GLU A 187 -11.33 -7.18 3.86
CA GLU A 187 -11.85 -5.88 4.29
C GLU A 187 -12.60 -5.10 3.21
N ILE A 188 -12.27 -5.36 1.94
CA ILE A 188 -12.81 -4.59 0.84
C ILE A 188 -13.80 -5.39 -0.01
N ALA A 189 -13.41 -6.63 -0.38
CA ALA A 189 -14.21 -7.44 -1.28
C ALA A 189 -15.22 -8.36 -0.61
N ASN A 190 -15.33 -8.29 0.73
CA ASN A 190 -16.29 -9.09 1.45
C ASN A 190 -16.12 -10.58 1.16
N SER A 191 -14.85 -11.00 1.14
CA SER A 191 -14.48 -12.36 0.78
C SER A 191 -13.56 -12.94 1.84
N PRO A 192 -14.04 -13.12 3.09
CA PRO A 192 -13.15 -13.58 4.15
C PRO A 192 -12.57 -14.97 3.89
N GLU A 193 -13.33 -15.88 3.28
CA GLU A 193 -12.79 -17.20 2.97
C GLU A 193 -11.62 -17.14 2.00
N GLU A 194 -11.70 -16.28 0.98
CA GLU A 194 -10.60 -16.09 0.05
C GLU A 194 -9.38 -15.51 0.77
N ALA A 195 -9.64 -14.54 1.66
CA ALA A 195 -8.58 -13.93 2.45
C ALA A 195 -7.80 -14.97 3.27
N ILE A 196 -8.55 -15.83 3.94
CA ILE A 196 -7.98 -16.86 4.79
C ILE A 196 -7.22 -17.89 3.96
N SER A 197 -7.83 -18.34 2.87
CA SER A 197 -7.19 -19.33 2.01
CA SER A 197 -7.18 -19.33 2.02
C SER A 197 -5.87 -18.78 1.47
N LEU A 198 -5.87 -17.54 1.00
CA LEU A 198 -4.66 -16.95 0.45
C LEU A 198 -3.56 -16.84 1.52
N ALA A 199 -3.91 -16.34 2.70
CA ALA A 199 -2.91 -16.22 3.74
C ALA A 199 -2.32 -17.57 4.14
N LYS A 200 -3.18 -18.59 4.26
CA LYS A 200 -2.73 -19.92 4.64
C LYS A 200 -1.81 -20.54 3.59
N THR A 201 -2.25 -20.50 2.33
N THR A 201 -2.24 -20.54 2.32
CA THR A 201 -1.50 -21.11 1.25
CA THR A 201 -1.42 -21.15 1.27
C THR A 201 -0.15 -20.41 1.08
C THR A 201 -0.10 -20.41 1.14
N THR A 202 -0.14 -19.08 1.22
CA THR A 202 1.09 -18.30 1.13
C THR A 202 2.05 -18.69 2.26
N PHE A 203 1.54 -18.75 3.49
CA PHE A 203 2.36 -19.13 4.64
C PHE A 203 2.98 -20.51 4.44
N ASP A 204 2.15 -21.48 4.04
CA ASP A 204 2.60 -22.85 3.98
C ASP A 204 3.62 -23.06 2.86
N GLU A 205 3.44 -22.37 1.73
CA GLU A 205 4.37 -22.50 0.63
C GLU A 205 5.70 -21.83 0.96
N ALA A 206 5.64 -20.73 1.70
CA ALA A 206 6.87 -20.10 2.17
C ALA A 206 7.62 -21.00 3.16
N MET A 207 6.90 -21.59 4.12
CA MET A 207 7.50 -22.46 5.12
CA MET A 207 7.55 -22.41 5.12
C MET A 207 8.36 -23.52 4.45
N ALA A 208 7.80 -24.13 3.41
CA ALA A 208 8.45 -25.21 2.69
C ALA A 208 9.68 -24.80 1.89
N ASP A 209 9.88 -23.50 1.67
CA ASP A 209 11.03 -23.00 0.94
C ASP A 209 12.10 -22.35 1.81
N LEU A 210 11.84 -22.22 3.13
CA LEU A 210 12.79 -21.57 4.02
C LEU A 210 14.16 -22.26 4.04
N HIS A 211 14.18 -23.57 3.80
CA HIS A 211 15.42 -24.33 3.86
C HIS A 211 16.49 -23.87 2.88
N THR A 212 16.05 -23.17 1.83
CA THR A 212 16.93 -22.70 0.77
C THR A 212 17.68 -21.41 1.11
N LEU A 213 17.30 -20.76 2.21
CA LEU A 213 17.70 -19.38 2.48
C LEU A 213 18.89 -19.26 3.40
N SER A 214 19.64 -18.18 3.22
CA SER A 214 20.62 -17.72 4.19
C SER A 214 19.95 -17.27 5.48
N GLU A 215 20.77 -17.09 6.53
CA GLU A 215 20.27 -16.59 7.79
C GLU A 215 19.56 -15.25 7.63
N ASP A 216 20.16 -14.32 6.86
CA ASP A 216 19.59 -13.00 6.71
C ASP A 216 18.28 -13.03 5.89
N SER A 217 18.23 -13.85 4.82
CA SER A 217 17.00 -13.96 4.05
C SER A 217 15.89 -14.62 4.88
N TYR A 218 16.27 -15.63 5.65
CA TYR A 218 15.35 -16.30 6.55
C TYR A 218 14.67 -15.33 7.52
N LYS A 219 15.48 -14.44 8.10
CA LYS A 219 14.95 -13.45 9.02
C LYS A 219 13.88 -12.58 8.35
N ASP A 220 14.18 -12.09 7.15
CA ASP A 220 13.28 -11.21 6.39
CA ASP A 220 13.22 -11.18 6.54
C ASP A 220 11.96 -11.93 6.11
N SER A 221 12.08 -13.14 5.54
CA SER A 221 10.90 -13.87 5.13
C SER A 221 10.01 -14.27 6.33
N THR A 222 10.65 -14.71 7.42
CA THR A 222 9.90 -15.15 8.59
C THR A 222 9.18 -13.99 9.25
N LEU A 223 9.74 -12.77 9.19
CA LEU A 223 9.03 -11.61 9.73
C LEU A 223 7.68 -11.42 9.04
N ILE A 224 7.68 -11.51 7.70
CA ILE A 224 6.44 -11.30 6.97
C ILE A 224 5.50 -12.49 7.16
N MET A 225 6.06 -13.69 7.21
CA MET A 225 5.23 -14.86 7.49
C MET A 225 4.48 -14.70 8.82
N GLN A 226 5.13 -14.09 9.81
CA GLN A 226 4.46 -13.89 11.09
C GLN A 226 3.27 -12.94 10.96
N LEU A 227 3.34 -11.98 10.05
CA LEU A 227 2.21 -11.10 9.80
C LEU A 227 1.04 -11.86 9.18
N LEU A 228 1.32 -12.78 8.23
CA LEU A 228 0.29 -13.66 7.72
C LEU A 228 -0.37 -14.44 8.86
N ARG A 229 0.44 -15.03 9.73
CA ARG A 229 -0.07 -15.78 10.88
C ARG A 229 -0.91 -14.89 11.80
N ASP A 230 -0.44 -13.67 12.02
CA ASP A 230 -1.18 -12.76 12.87
C ASP A 230 -2.58 -12.47 12.32
N ASN A 231 -2.66 -12.25 11.01
CA ASN A 231 -3.96 -12.02 10.39
C ASN A 231 -4.83 -13.27 10.49
N LEU A 232 -4.24 -14.44 10.23
CA LEU A 232 -5.00 -15.68 10.34
C LEU A 232 -5.56 -15.85 11.74
N THR A 233 -4.76 -15.51 12.76
CA THR A 233 -5.22 -15.61 14.14
C THR A 233 -6.37 -14.63 14.42
N LEU A 234 -6.29 -13.43 13.84
CA LEU A 234 -7.36 -12.45 14.01
C LEU A 234 -8.66 -12.94 13.38
N TRP A 235 -8.55 -13.70 12.27
CA TRP A 235 -9.71 -14.04 11.46
C TRP A 235 -10.33 -15.40 11.73
N THR A 236 -9.66 -16.21 12.57
CA THR A 236 -10.11 -17.55 12.89
C THR A 236 -10.27 -17.75 14.40
N PHE B 1 -7.15 -3.36 13.34
CA PHE B 1 -6.99 -3.56 11.90
C PHE B 1 -5.97 -4.66 11.59
N PRO B 2 -6.10 -5.37 10.44
CA PRO B 2 -5.12 -6.38 10.07
C PRO B 2 -3.81 -5.78 9.56
N ALA B 3 -2.78 -6.60 9.55
CA ALA B 3 -1.45 -6.17 9.13
C ALA B 3 -1.33 -6.09 7.60
N VAL B 5 1.79 -4.35 4.65
CA VAL B 5 3.14 -3.82 4.53
C VAL B 5 3.31 -2.95 3.29
#